data_6XLW
#
_entry.id   6XLW
#
_cell.length_a   43.398
_cell.length_b   62.731
_cell.length_c   77.427
_cell.angle_alpha   90.000
_cell.angle_beta   90.000
_cell.angle_gamma   90.000
#
_symmetry.space_group_name_H-M   'P 21 21 21'
#
loop_
_entity.id
_entity.type
_entity.pdbx_description
1 polymer 'Splicing factor U2AF 65 kDa subunit'
2 polymer "DNA/RNA (5'-R(P*UP*UP*(UD)P*UP*U)-D(P*(BRU))-R(P*CP*C)-3')"
3 non-polymer GLYCEROL
4 non-polymer DI(HYDROXYETHYL)ETHER
5 non-polymer 'SODIUM ION'
6 water water
#
loop_
_entity_poly.entity_id
_entity_poly.type
_entity_poly.pdbx_seq_one_letter_code
_entity_poly.pdbx_strand_id
1 'polypeptide(L)'
;GPLGSQMTRQARRLYVGNIPFGITEEAMMDFFNAQMRLGGLTQAPGNPVLAVQINQDKNFAFLEFRSVDETTQAMAFDGI
IFQGQSLKIRRPHDYQPLPGMSENPSVYVPGVVSTVVPDSAHKLFIGGLPNYLNDDQVKELLTSFGPLKAFNLVKDSATG
LSKGYAFCEYVDINVTDQAIAGLNGMQLGDKKLLVQRASVGAKN
;
A
2 'polyribonucleotide' UU(DU)UU(BRU)CC B
#
loop_
_chem_comp.id
_chem_comp.type
_chem_comp.name
_chem_comp.formula
BRU DNA linking 5-BROMO-2'-DEOXYURIDINE-5'-MONOPHOSPHATE 'C9 H12 Br N2 O8 P'
C RNA linking CYTIDINE-5'-MONOPHOSPHATE 'C9 H14 N3 O8 P'
DU DNA linking 2'-DEOXYURIDINE-5'-MONOPHOSPHATE 'C9 H13 N2 O8 P'
GOL non-polymer GLYCEROL 'C3 H8 O3'
NA non-polymer 'SODIUM ION' 'Na 1'
PEG non-polymer DI(HYDROXYETHYL)ETHER 'C4 H10 O3'
U RNA linking URIDINE-5'-MONOPHOSPHATE 'C9 H13 N2 O9 P'
#
# COMPACT_ATOMS: atom_id res chain seq x y z
N SER A 5 2.33 16.94 -21.63
CA SER A 5 1.34 17.56 -22.50
C SER A 5 0.02 17.79 -21.77
N GLN A 6 -0.87 18.55 -22.40
CA GLN A 6 -2.12 18.96 -21.77
C GLN A 6 -3.11 17.80 -21.71
N MET A 7 -3.17 17.00 -22.79
CA MET A 7 -4.17 15.95 -22.87
C MET A 7 -3.83 14.76 -22.00
N THR A 8 -2.54 14.53 -21.73
CA THR A 8 -2.13 13.35 -20.99
C THR A 8 -1.99 13.58 -19.48
N ARG A 9 -2.21 14.79 -18.99
CA ARG A 9 -1.93 15.07 -17.58
C ARG A 9 -2.69 14.12 -16.65
N GLN A 10 -3.97 13.87 -16.93
CA GLN A 10 -4.76 12.98 -16.08
C GLN A 10 -4.19 11.57 -16.08
N ALA A 11 -3.48 11.19 -17.14
CA ALA A 11 -2.83 9.90 -17.23
C ALA A 11 -1.37 9.95 -16.78
N ARG A 12 -0.94 11.06 -16.17
CA ARG A 12 0.42 11.21 -15.66
C ARG A 12 0.44 11.55 -14.18
N ARG A 13 -0.64 11.30 -13.47
CA ARG A 13 -0.72 11.64 -12.06
CA ARG A 13 -0.72 11.65 -12.05
C ARG A 13 -1.28 10.47 -11.27
N LEU A 14 -0.78 10.32 -10.05
CA LEU A 14 -1.25 9.28 -9.14
C LEU A 14 -1.53 9.86 -7.77
N TYR A 15 -2.58 9.34 -7.15
CA TYR A 15 -2.86 9.57 -5.74
C TYR A 15 -1.98 8.66 -4.91
N VAL A 16 -1.42 9.19 -3.82
CA VAL A 16 -0.66 8.42 -2.84
C VAL A 16 -1.23 8.75 -1.47
N GLY A 17 -1.84 7.77 -0.82
CA GLY A 17 -2.42 7.95 0.49
C GLY A 17 -1.60 7.31 1.59
N ASN A 18 -1.98 7.63 2.82
CA ASN A 18 -1.34 7.09 4.02
C ASN A 18 0.13 7.51 4.09
N ILE A 19 0.42 8.73 3.68
CA ILE A 19 1.82 9.19 3.64
C ILE A 19 2.32 9.47 5.05
N PRO A 20 3.63 9.40 5.28
CA PRO A 20 4.16 9.68 6.62
C PRO A 20 3.89 11.11 7.05
N PHE A 21 3.56 11.27 8.33
CA PHE A 21 3.32 12.61 8.85
CA PHE A 21 3.33 12.61 8.86
C PHE A 21 4.59 13.46 8.72
N GLY A 22 4.39 14.72 8.32
CA GLY A 22 5.49 15.64 8.22
C GLY A 22 6.36 15.50 7.00
N ILE A 23 6.05 14.56 6.11
CA ILE A 23 6.90 14.35 4.94
C ILE A 23 6.85 15.57 4.03
N THR A 24 7.99 15.93 3.45
CA THR A 24 8.04 17.01 2.49
C THR A 24 7.81 16.49 1.07
N GLU A 25 7.37 17.41 0.21
CA GLU A 25 7.20 17.11 -1.20
C GLU A 25 8.52 16.63 -1.82
N GLU A 26 9.65 17.25 -1.43
CA GLU A 26 10.95 16.85 -1.95
C GLU A 26 11.34 15.45 -1.50
N ALA A 27 11.09 15.12 -0.22
CA ALA A 27 11.43 13.79 0.26
C ALA A 27 10.62 12.73 -0.46
N MET A 28 9.33 13.01 -0.71
CA MET A 28 8.50 12.07 -1.45
CA MET A 28 8.50 12.07 -1.44
C MET A 28 8.99 11.90 -2.88
N MET A 29 9.33 13.02 -3.54
CA MET A 29 9.84 12.94 -4.90
CA MET A 29 9.84 12.94 -4.90
C MET A 29 11.11 12.13 -4.97
N ASP A 30 12.05 12.37 -4.04
CA ASP A 30 13.32 11.64 -4.03
C ASP A 30 13.07 10.15 -3.83
N PHE A 31 12.16 9.81 -2.91
CA PHE A 31 11.85 8.41 -2.65
C PHE A 31 11.37 7.73 -3.93
N PHE A 32 10.38 8.31 -4.61
CA PHE A 32 9.82 7.66 -5.78
C PHE A 32 10.81 7.64 -6.94
N ASN A 33 11.57 8.72 -7.13
CA ASN A 33 12.56 8.71 -8.21
C ASN A 33 13.59 7.62 -7.98
N ALA A 34 14.04 7.45 -6.75
CA ALA A 34 15.01 6.40 -6.45
C ALA A 34 14.41 5.02 -6.61
N GLN A 35 13.23 4.79 -6.06
CA GLN A 35 12.62 3.47 -6.17
C GLN A 35 12.37 3.10 -7.63
N MET A 36 11.92 4.05 -8.45
CA MET A 36 11.69 3.76 -9.86
CA MET A 36 11.69 3.71 -9.85
C MET A 36 12.97 3.31 -10.54
N ARG A 37 14.09 3.97 -10.23
CA ARG A 37 15.38 3.61 -10.84
C ARG A 37 15.89 2.28 -10.30
N LEU A 38 15.84 2.12 -8.98
CA LEU A 38 16.32 0.88 -8.36
C LEU A 38 15.52 -0.34 -8.81
N GLY A 39 14.24 -0.15 -9.09
CA GLY A 39 13.39 -1.24 -9.52
C GLY A 39 13.45 -1.54 -10.99
N GLY A 40 14.18 -0.74 -11.76
CA GLY A 40 14.24 -0.95 -13.19
C GLY A 40 13.01 -0.46 -13.93
N LEU A 41 12.24 0.43 -13.34
CA LEU A 41 11.04 0.94 -13.97
C LEU A 41 11.24 2.23 -14.77
N THR A 42 12.32 2.96 -14.52
CA THR A 42 12.52 4.24 -15.18
C THR A 42 12.97 4.01 -16.62
N GLN A 43 12.33 4.71 -17.56
CA GLN A 43 12.45 4.41 -18.98
C GLN A 43 13.36 5.38 -19.74
N ALA A 44 14.13 6.21 -19.02
CA ALA A 44 15.08 7.13 -19.63
C ALA A 44 15.96 7.77 -18.56
N PRO A 45 17.07 8.41 -18.94
CA PRO A 45 17.84 9.20 -17.98
C PRO A 45 16.97 10.29 -17.37
N GLY A 46 17.35 10.71 -16.17
CA GLY A 46 16.62 11.76 -15.49
C GLY A 46 15.42 11.25 -14.71
N ASN A 47 14.77 12.18 -14.02
CA ASN A 47 13.76 11.84 -13.02
C ASN A 47 12.40 11.56 -13.66
N PRO A 48 11.78 10.41 -13.38
CA PRO A 48 10.42 10.18 -13.87
C PRO A 48 9.36 11.01 -13.15
N VAL A 49 9.56 11.34 -11.88
CA VAL A 49 8.60 12.16 -11.12
C VAL A 49 9.02 13.61 -11.26
N LEU A 50 8.11 14.43 -11.78
CA LEU A 50 8.33 15.86 -11.98
C LEU A 50 7.94 16.69 -10.77
N ALA A 51 6.87 16.32 -10.08
CA ALA A 51 6.36 17.14 -8.99
C ALA A 51 5.51 16.28 -8.06
N VAL A 52 5.39 16.77 -6.83
CA VAL A 52 4.56 16.18 -5.79
C VAL A 52 3.80 17.31 -5.11
N GLN A 53 2.49 17.15 -4.95
CA GLN A 53 1.69 18.09 -4.19
C GLN A 53 1.12 17.37 -2.99
N ILE A 54 1.46 17.85 -1.79
CA ILE A 54 0.98 17.23 -0.57
C ILE A 54 -0.12 18.06 0.06
N ASN A 55 -1.17 17.35 0.50
CA ASN A 55 -2.18 17.89 1.40
C ASN A 55 -1.87 17.35 2.78
N GLN A 56 -1.24 18.17 3.62
CA GLN A 56 -0.77 17.72 4.92
C GLN A 56 -1.94 17.37 5.83
N ASP A 57 -2.99 18.19 5.84
CA ASP A 57 -4.08 17.97 6.78
C ASP A 57 -4.88 16.72 6.43
N LYS A 58 -4.97 16.39 5.14
CA LYS A 58 -5.73 15.25 4.69
C LYS A 58 -4.87 14.01 4.43
N ASN A 59 -3.54 14.11 4.52
CA ASN A 59 -2.70 12.92 4.59
C ASN A 59 -2.51 12.24 3.24
N PHE A 60 -2.54 12.99 2.13
CA PHE A 60 -2.33 12.38 0.83
C PHE A 60 -1.49 13.29 -0.05
N ALA A 61 -0.95 12.70 -1.10
CA ALA A 61 -0.17 13.41 -2.10
C ALA A 61 -0.66 13.04 -3.49
N PHE A 62 -0.37 13.91 -4.44
CA PHE A 62 -0.48 13.59 -5.85
C PHE A 62 0.90 13.73 -6.49
N LEU A 63 1.34 12.66 -7.17
CA LEU A 63 2.56 12.66 -7.96
C LEU A 63 2.22 13.00 -9.40
N GLU A 64 3.10 13.73 -10.05
CA GLU A 64 3.01 13.97 -11.49
C GLU A 64 4.29 13.46 -12.15
N PHE A 65 4.12 12.62 -13.16
CA PHE A 65 5.21 11.98 -13.88
C PHE A 65 5.40 12.61 -15.26
N ARG A 66 6.58 12.39 -15.84
CA ARG A 66 6.87 12.95 -17.15
C ARG A 66 6.26 12.15 -18.28
N SER A 67 5.82 10.92 -18.04
CA SER A 67 5.30 10.08 -19.11
C SER A 67 4.13 9.24 -18.61
N VAL A 68 3.24 8.93 -19.56
CA VAL A 68 2.12 8.05 -19.30
C VAL A 68 2.60 6.67 -18.85
N ASP A 69 3.60 6.12 -19.56
CA ASP A 69 4.01 4.74 -19.28
C ASP A 69 4.68 4.62 -17.91
N GLU A 70 5.50 5.60 -17.52
CA GLU A 70 6.13 5.54 -16.20
C GLU A 70 5.09 5.70 -15.09
N THR A 71 4.02 6.45 -15.34
CA THR A 71 2.93 6.57 -14.38
C THR A 71 2.28 5.20 -14.17
N THR A 72 1.99 4.50 -15.26
CA THR A 72 1.39 3.18 -15.16
C THR A 72 2.29 2.22 -14.41
N GLN A 73 3.59 2.23 -14.71
CA GLN A 73 4.51 1.32 -14.04
C GLN A 73 4.53 1.60 -12.54
N ALA A 74 4.45 2.87 -12.15
CA ALA A 74 4.53 3.22 -10.75
C ALA A 74 3.35 2.70 -9.93
N MET A 75 2.25 2.32 -10.58
CA MET A 75 1.16 1.66 -9.86
C MET A 75 1.66 0.37 -9.18
N ALA A 76 2.74 -0.23 -9.68
CA ALA A 76 3.26 -1.45 -9.07
C ALA A 76 3.86 -1.20 -7.69
N PHE A 77 4.06 0.04 -7.30
CA PHE A 77 4.56 0.34 -5.97
C PHE A 77 3.46 0.38 -4.92
N ASP A 78 2.20 0.15 -5.28
CA ASP A 78 1.15 0.17 -4.27
C ASP A 78 1.51 -0.76 -3.10
N GLY A 79 1.47 -0.20 -1.88
CA GLY A 79 1.79 -0.93 -0.67
C GLY A 79 3.23 -0.79 -0.22
N ILE A 80 4.08 -0.14 -0.99
CA ILE A 80 5.48 0.01 -0.59
C ILE A 80 5.53 0.69 0.76
N ILE A 81 6.44 0.23 1.60
CA ILE A 81 6.62 0.81 2.93
C ILE A 81 7.54 2.02 2.83
N PHE A 82 7.10 3.13 3.39
CA PHE A 82 7.89 4.35 3.44
C PHE A 82 7.74 4.90 4.86
N GLN A 83 8.85 4.97 5.59
CA GLN A 83 8.84 5.39 6.99
C GLN A 83 7.76 4.65 7.77
N GLY A 84 7.71 3.34 7.57
CA GLY A 84 6.83 2.49 8.33
C GLY A 84 5.41 2.36 7.81
N GLN A 85 5.03 3.13 6.79
CA GLN A 85 3.65 3.20 6.33
C GLN A 85 3.49 2.59 4.94
N SER A 86 2.37 1.87 4.75
CA SER A 86 2.02 1.30 3.45
C SER A 86 1.45 2.41 2.57
N LEU A 87 2.15 2.79 1.52
CA LEU A 87 1.62 3.83 0.65
C LEU A 87 0.51 3.27 -0.23
N LYS A 88 -0.62 3.96 -0.26
CA LYS A 88 -1.77 3.56 -1.04
C LYS A 88 -1.71 4.29 -2.38
N ILE A 89 -1.38 3.59 -3.45
CA ILE A 89 -1.21 4.22 -4.75
C ILE A 89 -2.41 3.89 -5.62
N ARG A 90 -3.06 4.94 -6.14
CA ARG A 90 -4.29 4.80 -6.88
C ARG A 90 -4.32 5.77 -8.05
N ARG A 91 -5.14 5.44 -9.04
CA ARG A 91 -5.41 6.40 -10.10
C ARG A 91 -6.26 7.55 -9.56
N PRO A 92 -6.08 8.76 -10.10
CA PRO A 92 -7.08 9.81 -9.84
C PRO A 92 -8.46 9.32 -10.25
N HIS A 93 -9.49 9.77 -9.54
CA HIS A 93 -10.82 9.28 -9.82
C HIS A 93 -11.32 9.65 -11.21
N ASP A 94 -10.80 10.73 -11.81
CA ASP A 94 -11.20 11.15 -13.15
C ASP A 94 -10.32 10.56 -14.25
N TYR A 95 -9.41 9.65 -13.92
CA TYR A 95 -8.56 9.03 -14.92
C TYR A 95 -9.36 8.19 -15.90
N GLN A 96 -9.06 8.35 -17.18
CA GLN A 96 -9.64 7.56 -18.25
C GLN A 96 -8.49 7.01 -19.07
N PRO A 97 -8.38 5.69 -19.23
CA PRO A 97 -7.31 5.15 -20.07
C PRO A 97 -7.36 5.74 -21.48
N LEU A 98 -6.18 5.99 -22.02
CA LEU A 98 -6.03 6.56 -23.36
C LEU A 98 -6.06 5.46 -24.41
N PRO A 99 -6.22 5.82 -25.68
CA PRO A 99 -6.14 4.81 -26.74
C PRO A 99 -4.70 4.34 -26.93
N GLY A 100 -4.54 3.03 -27.06
CA GLY A 100 -3.25 2.42 -27.32
C GLY A 100 -2.29 2.40 -26.15
N MET A 101 -2.67 2.95 -25.00
CA MET A 101 -1.80 3.04 -23.84
C MET A 101 -2.29 2.12 -22.74
N SER A 102 -1.37 1.41 -22.10
CA SER A 102 -1.78 0.40 -21.14
C SER A 102 -2.26 1.01 -19.83
N GLU A 103 -3.08 0.24 -19.13
CA GLU A 103 -3.75 0.66 -17.91
C GLU A 103 -3.10 0.11 -16.65
N ASN A 104 -2.52 -1.09 -16.72
CA ASN A 104 -2.03 -1.80 -15.57
C ASN A 104 -0.53 -2.03 -15.69
N PRO A 105 0.19 -2.00 -14.56
CA PRO A 105 1.65 -2.12 -14.63
C PRO A 105 2.08 -3.48 -15.14
N SER A 106 3.17 -3.47 -15.91
CA SER A 106 3.72 -4.67 -16.52
C SER A 106 4.85 -5.29 -15.72
N VAL A 107 5.33 -4.62 -14.68
CA VAL A 107 6.43 -5.10 -13.88
C VAL A 107 5.93 -5.48 -12.49
N TYR A 108 6.77 -6.21 -11.77
CA TYR A 108 6.56 -6.53 -10.37
C TYR A 108 7.74 -5.97 -9.61
N VAL A 109 7.47 -5.39 -8.45
CA VAL A 109 8.50 -4.84 -7.56
C VAL A 109 8.70 -5.84 -6.42
N PRO A 110 9.86 -6.46 -6.30
CA PRO A 110 10.02 -7.53 -5.32
C PRO A 110 9.77 -7.04 -3.90
N GLY A 111 8.98 -7.82 -3.16
CA GLY A 111 8.73 -7.53 -1.78
C GLY A 111 7.66 -6.51 -1.52
N VAL A 112 7.11 -5.89 -2.55
CA VAL A 112 6.03 -4.94 -2.37
C VAL A 112 4.73 -5.70 -2.37
N VAL A 113 3.93 -5.45 -1.33
CA VAL A 113 2.67 -6.14 -1.10
C VAL A 113 1.54 -5.13 -1.33
N SER A 114 0.66 -5.44 -2.28
CA SER A 114 -0.49 -4.59 -2.59
C SER A 114 -1.32 -4.30 -1.36
N THR A 115 -1.94 -3.11 -1.34
CA THR A 115 -2.91 -2.75 -0.30
C THR A 115 -4.34 -3.10 -0.68
N VAL A 116 -4.55 -3.60 -1.89
CA VAL A 116 -5.89 -3.88 -2.39
C VAL A 116 -6.23 -5.30 -2.00
N VAL A 117 -7.13 -5.45 -1.02
CA VAL A 117 -7.50 -6.75 -0.48
C VAL A 117 -8.97 -6.98 -0.81
N PRO A 118 -9.30 -7.56 -1.95
CA PRO A 118 -10.72 -7.75 -2.27
C PRO A 118 -11.33 -8.82 -1.39
N ASP A 119 -12.62 -8.65 -1.10
CA ASP A 119 -13.35 -9.71 -0.44
C ASP A 119 -13.19 -10.96 -1.28
N SER A 120 -12.90 -12.08 -0.63
CA SER A 120 -12.64 -13.34 -1.30
C SER A 120 -12.66 -14.45 -0.25
N ALA A 121 -12.58 -15.70 -0.74
CA ALA A 121 -12.70 -16.87 0.14
C ALA A 121 -11.74 -16.82 1.31
N HIS A 122 -10.48 -16.46 1.06
CA HIS A 122 -9.45 -16.58 2.08
C HIS A 122 -8.93 -15.24 2.59
N LYS A 123 -9.60 -14.15 2.25
CA LYS A 123 -9.27 -12.88 2.89
C LYS A 123 -9.43 -13.05 4.39
N LEU A 124 -8.42 -12.59 5.14
CA LEU A 124 -8.40 -12.69 6.59
C LEU A 124 -8.69 -11.35 7.23
N PHE A 125 -9.41 -11.41 8.35
CA PHE A 125 -9.53 -10.32 9.30
C PHE A 125 -8.63 -10.62 10.50
N ILE A 126 -7.90 -9.60 10.95
CA ILE A 126 -7.06 -9.68 12.13
C ILE A 126 -7.46 -8.52 13.04
N GLY A 127 -8.15 -8.82 14.13
CA GLY A 127 -8.62 -7.80 15.04
C GLY A 127 -7.92 -7.87 16.38
N GLY A 128 -7.91 -6.77 17.13
CA GLY A 128 -7.28 -6.74 18.44
C GLY A 128 -5.80 -6.42 18.45
N LEU A 129 -5.27 -5.88 17.36
CA LEU A 129 -3.85 -5.54 17.30
C LEU A 129 -3.54 -4.34 18.18
N PRO A 130 -2.42 -4.36 18.90
CA PRO A 130 -1.99 -3.17 19.64
C PRO A 130 -1.86 -2.00 18.68
N ASN A 131 -2.39 -0.84 19.10
CA ASN A 131 -2.46 0.32 18.22
CA ASN A 131 -2.45 0.29 18.18
C ASN A 131 -1.11 0.98 17.99
N TYR A 132 -0.09 0.62 18.77
CA TYR A 132 1.24 1.19 18.54
C TYR A 132 1.98 0.52 17.39
N LEU A 133 1.46 -0.58 16.85
CA LEU A 133 2.12 -1.25 15.74
C LEU A 133 1.82 -0.51 14.44
N ASN A 134 2.87 -0.16 13.70
CA ASN A 134 2.69 0.48 12.40
C ASN A 134 2.44 -0.56 11.31
N ASP A 135 2.19 -0.06 10.10
CA ASP A 135 1.86 -0.94 8.98
C ASP A 135 2.95 -1.97 8.79
N ASP A 136 4.21 -1.53 8.85
CA ASP A 136 5.35 -2.40 8.60
C ASP A 136 5.40 -3.54 9.62
N GLN A 137 5.17 -3.24 10.89
CA GLN A 137 5.29 -4.26 11.91
C GLN A 137 4.14 -5.26 11.83
N VAL A 138 2.92 -4.79 11.52
CA VAL A 138 1.83 -5.73 11.36
C VAL A 138 2.07 -6.60 10.14
N LYS A 139 2.56 -5.99 9.05
CA LYS A 139 2.87 -6.77 7.86
C LYS A 139 3.90 -7.85 8.19
N GLU A 140 4.90 -7.51 9.00
CA GLU A 140 5.93 -8.47 9.37
C GLU A 140 5.35 -9.62 10.21
N LEU A 141 4.46 -9.30 11.15
CA LEU A 141 3.80 -10.32 11.94
C LEU A 141 3.13 -11.34 11.02
N LEU A 142 2.44 -10.86 10.00
CA LEU A 142 1.70 -11.76 9.13
C LEU A 142 2.61 -12.48 8.16
N THR A 143 3.66 -11.82 7.70
CA THR A 143 4.53 -12.48 6.73
CA THR A 143 4.60 -12.43 6.76
C THR A 143 5.35 -13.60 7.37
N SER A 144 5.45 -13.63 8.70
CA SER A 144 6.15 -14.75 9.31
CA SER A 144 6.09 -14.76 9.37
C SER A 144 5.49 -16.08 8.94
N PHE A 145 4.19 -16.10 8.65
CA PHE A 145 3.51 -17.34 8.28
C PHE A 145 3.70 -17.69 6.81
N GLY A 146 3.89 -16.68 5.97
CA GLY A 146 4.12 -16.90 4.57
C GLY A 146 3.97 -15.60 3.80
N PRO A 147 4.38 -15.58 2.54
CA PRO A 147 4.32 -14.33 1.77
C PRO A 147 2.89 -13.88 1.54
N LEU A 148 2.72 -12.57 1.58
CA LEU A 148 1.43 -11.95 1.39
C LEU A 148 1.22 -11.53 -0.06
N LYS A 149 -0.02 -11.71 -0.51
CA LYS A 149 -0.48 -11.14 -1.76
CA LYS A 149 -0.52 -11.16 -1.76
C LYS A 149 -1.04 -9.74 -1.57
N ALA A 150 -1.64 -9.46 -0.42
CA ALA A 150 -2.22 -8.15 -0.18
C ALA A 150 -2.44 -7.96 1.32
N PHE A 151 -2.43 -6.70 1.75
CA PHE A 151 -2.50 -6.38 3.17
C PHE A 151 -2.92 -4.92 3.34
N ASN A 152 -3.83 -4.67 4.30
CA ASN A 152 -4.09 -3.30 4.73
C ASN A 152 -4.41 -3.24 6.22
N LEU A 153 -3.74 -2.31 6.92
CA LEU A 153 -4.02 -2.00 8.31
C LEU A 153 -4.92 -0.76 8.35
N VAL A 154 -6.05 -0.85 9.06
CA VAL A 154 -7.03 0.22 9.06
C VAL A 154 -6.64 1.29 10.06
N LYS A 155 -6.64 2.54 9.61
CA LYS A 155 -6.25 3.70 10.41
C LYS A 155 -7.42 4.66 10.54
N ASP A 156 -7.41 5.44 11.61
CA ASP A 156 -8.32 6.55 11.72
C ASP A 156 -7.97 7.58 10.65
N SER A 157 -8.96 7.99 9.87
CA SER A 157 -8.72 8.89 8.75
C SER A 157 -8.33 10.29 9.20
N ALA A 158 -8.68 10.69 10.41
CA ALA A 158 -8.39 12.04 10.87
C ALA A 158 -7.07 12.13 11.64
N THR A 159 -6.72 11.11 12.42
CA THR A 159 -5.54 11.15 13.27
C THR A 159 -4.38 10.31 12.75
N GLY A 160 -4.63 9.36 11.86
CA GLY A 160 -3.59 8.46 11.40
C GLY A 160 -3.29 7.32 12.34
N LEU A 161 -3.96 7.23 13.46
CA LEU A 161 -3.65 6.17 14.41
C LEU A 161 -4.31 4.86 13.98
N SER A 162 -3.59 3.77 14.17
CA SER A 162 -4.14 2.46 13.87
C SER A 162 -5.41 2.24 14.68
N LYS A 163 -6.42 1.69 14.02
CA LYS A 163 -7.63 1.26 14.69
C LYS A 163 -7.53 -0.16 15.23
N GLY A 164 -6.38 -0.81 15.06
CA GLY A 164 -6.15 -2.09 15.70
C GLY A 164 -6.75 -3.27 14.96
N TYR A 165 -7.02 -3.14 13.67
CA TYR A 165 -7.43 -4.29 12.91
C TYR A 165 -6.96 -4.14 11.48
N ALA A 166 -6.77 -5.28 10.81
CA ALA A 166 -6.18 -5.34 9.48
C ALA A 166 -6.84 -6.45 8.70
N PHE A 167 -6.59 -6.43 7.39
CA PHE A 167 -7.03 -7.48 6.47
C PHE A 167 -5.85 -7.93 5.62
N CYS A 168 -5.86 -9.19 5.22
CA CYS A 168 -4.79 -9.65 4.36
C CYS A 168 -5.23 -10.85 3.54
N GLU A 169 -4.36 -11.20 2.59
CA GLU A 169 -4.52 -12.36 1.73
C GLU A 169 -3.13 -12.92 1.50
N TYR A 170 -2.94 -14.19 1.81
CA TYR A 170 -1.68 -14.88 1.57
C TYR A 170 -1.58 -15.32 0.12
N VAL A 171 -0.34 -15.37 -0.38
CA VAL A 171 -0.10 -15.93 -1.71
C VAL A 171 -0.63 -17.35 -1.78
N ASP A 172 -0.27 -18.17 -0.80
CA ASP A 172 -0.70 -19.57 -0.70
C ASP A 172 -1.98 -19.61 0.14
N ILE A 173 -3.08 -20.05 -0.47
CA ILE A 173 -4.34 -20.11 0.27
C ILE A 173 -4.20 -20.94 1.53
N ASN A 174 -3.30 -21.93 1.52
CA ASN A 174 -3.17 -22.83 2.65
C ASN A 174 -2.48 -22.20 3.85
N VAL A 175 -1.80 -21.06 3.67
CA VAL A 175 -1.22 -20.38 4.81
C VAL A 175 -2.31 -19.74 5.68
N THR A 176 -3.47 -19.45 5.09
CA THR A 176 -4.57 -18.81 5.84
C THR A 176 -4.85 -19.54 7.15
N ASP A 177 -5.03 -20.85 7.08
CA ASP A 177 -5.36 -21.62 8.28
C ASP A 177 -4.17 -21.71 9.23
N GLN A 178 -2.94 -21.60 8.70
CA GLN A 178 -1.78 -21.60 9.58
C GLN A 178 -1.69 -20.31 10.38
N ALA A 179 -1.98 -19.17 9.74
CA ALA A 179 -2.02 -17.90 10.46
C ALA A 179 -3.13 -17.89 11.50
N ILE A 180 -4.31 -18.41 11.15
CA ILE A 180 -5.39 -18.51 12.13
C ILE A 180 -4.94 -19.33 13.33
N ALA A 181 -4.36 -20.50 13.09
CA ALA A 181 -3.93 -21.34 14.20
C ALA A 181 -2.90 -20.66 15.07
N GLY A 182 -1.97 -19.92 14.46
CA GLY A 182 -0.91 -19.29 15.21
C GLY A 182 -1.29 -18.01 15.93
N LEU A 183 -2.35 -17.34 15.49
CA LEU A 183 -2.69 -16.03 16.02
C LEU A 183 -4.04 -15.93 16.68
N ASN A 184 -5.03 -16.71 16.25
CA ASN A 184 -6.36 -16.50 16.80
C ASN A 184 -6.35 -16.77 18.30
N GLY A 185 -6.96 -15.87 19.06
CA GLY A 185 -7.06 -16.01 20.48
C GLY A 185 -5.85 -15.57 21.27
N MET A 186 -4.80 -15.07 20.61
CA MET A 186 -3.60 -14.64 21.32
CA MET A 186 -3.60 -14.63 21.30
C MET A 186 -3.90 -13.44 22.20
N GLN A 187 -3.45 -13.50 23.45
CA GLN A 187 -3.75 -12.45 24.41
C GLN A 187 -2.60 -11.43 24.46
N LEU A 188 -2.97 -10.15 24.39
CA LEU A 188 -2.02 -9.04 24.42
C LEU A 188 -2.59 -8.01 25.40
N GLY A 189 -2.18 -8.10 26.66
CA GLY A 189 -2.71 -7.19 27.65
C GLY A 189 -4.22 -7.30 27.70
N ASP A 190 -4.90 -6.19 27.41
CA ASP A 190 -6.35 -6.10 27.43
C ASP A 190 -7.01 -6.65 26.17
N LYS A 191 -6.25 -6.91 25.12
CA LYS A 191 -6.80 -7.31 23.84
C LYS A 191 -6.55 -8.80 23.60
N LYS A 192 -7.43 -9.40 22.81
CA LYS A 192 -7.31 -10.80 22.42
C LYS A 192 -7.51 -10.84 20.92
N LEU A 193 -6.51 -11.32 20.18
CA LEU A 193 -6.63 -11.31 18.74
C LEU A 193 -7.78 -12.18 18.28
N LEU A 194 -8.54 -11.67 17.31
CA LEU A 194 -9.51 -12.44 16.55
C LEU A 194 -8.98 -12.54 15.13
N VAL A 195 -8.66 -13.76 14.71
CA VAL A 195 -8.15 -14.01 13.37
C VAL A 195 -9.04 -15.07 12.73
N GLN A 196 -9.72 -14.68 11.66
CA GLN A 196 -10.69 -15.52 10.99
C GLN A 196 -10.89 -14.95 9.60
N ARG A 197 -11.41 -15.78 8.71
CA ARG A 197 -11.75 -15.26 7.40
C ARG A 197 -12.71 -14.08 7.56
N ALA A 198 -12.46 -13.02 6.79
CA ALA A 198 -13.20 -11.77 6.98
C ALA A 198 -14.68 -11.92 6.68
N SER A 199 -15.04 -12.90 5.85
CA SER A 199 -16.44 -13.15 5.54
C SER A 199 -17.23 -13.56 6.77
N VAL A 200 -16.57 -14.12 7.78
CA VAL A 200 -17.29 -14.63 8.94
C VAL A 200 -17.96 -13.51 9.73
N GLY A 201 -17.25 -12.40 9.93
CA GLY A 201 -17.73 -11.29 10.74
C GLY A 201 -17.99 -9.99 10.01
N ALA A 202 -17.99 -9.99 8.68
CA ALA A 202 -18.24 -8.77 7.93
C ALA A 202 -19.67 -8.29 8.11
N LYS A 203 -19.86 -6.99 7.96
CA LYS A 203 -21.21 -6.44 7.95
C LYS A 203 -21.81 -6.60 6.55
N1 BRU B 6 -8.56 10.42 -4.71
C2 BRU B 6 -8.26 9.97 -6.01
N3 BRU B 6 -8.07 8.65 -6.23
C4 BRU B 6 -8.22 7.73 -5.27
C5 BRU B 6 -8.52 8.20 -3.92
C6 BRU B 6 -8.69 9.54 -3.70
O2 BRU B 6 -8.24 10.79 -6.94
O4 BRU B 6 -8.15 6.51 -5.50
BR BRU B 6 -8.78 6.97 -2.52
C1' BRU B 6 -8.74 11.84 -4.44
C2' BRU B 6 -10.17 12.23 -4.04
C3' BRU B 6 -9.96 13.40 -3.12
C4' BRU B 6 -8.62 13.11 -2.45
O3' BRU B 6 -9.78 14.57 -3.92
O4' BRU B 6 -7.93 12.19 -3.31
C5' BRU B 6 -8.74 12.49 -1.06
O5' BRU B 6 -9.79 11.55 -1.09
P BRU B 6 -10.77 11.37 0.17
OP1 BRU B 6 -11.11 12.73 0.73
OP2 BRU B 6 -11.84 10.42 -0.26
H6 BRU B 6 -8.89 9.87 -2.81
H1' BRU B 6 -8.57 12.29 -5.27
H2' BRU B 6 -10.61 11.50 -3.56
H2'' BRU B 6 -10.68 12.51 -4.82
H3' BRU B 6 -10.69 13.49 -2.47
H4' BRU B 6 -8.10 13.94 -2.39
H5' BRU B 6 -8.94 13.20 -0.41
H5'' BRU B 6 -7.90 12.06 -0.82
C1 GOL C . -8.47 -0.08 -5.43
O1 GOL C . -9.73 -0.62 -5.30
C2 GOL C . -8.02 0.00 -6.88
O2 GOL C . -8.48 -0.96 -7.69
C3 GOL C . -6.43 0.15 -6.85
O3 GOL C . -5.77 -0.57 -7.88
H11 GOL C . -7.82 -0.59 -4.94
H12 GOL C . -8.44 0.82 -5.05
HO1 GOL C . -9.91 -0.99 -6.05
H2 GOL C . -8.42 0.80 -7.28
H31 GOL C . -6.14 -0.13 -5.96
H32 GOL C . -6.24 1.10 -6.88
HO3 GOL C . -6.35 -1.13 -8.19
C1 PEG D . 10.50 -5.23 10.32
O1 PEG D . 10.82 -3.88 9.95
C2 PEG D . 10.75 -5.49 11.80
O2 PEG D . 11.52 -4.53 12.54
C3 PEG D . 11.60 -4.88 13.92
C4 PEG D . 12.22 -3.78 14.77
O4 PEG D . 11.21 -3.18 15.60
H11 PEG D . 11.11 -5.91 9.73
H12 PEG D . 9.45 -5.42 10.10
HO1 PEG D . 10.37 -3.66 9.12
H21 PEG D . 11.26 -6.45 11.89
H22 PEG D . 9.78 -5.58 12.29
H31 PEG D . 12.21 -5.78 14.02
H32 PEG D . 10.61 -5.10 14.29
H41 PEG D . 12.66 -3.01 14.14
H42 PEG D . 13.01 -4.18 15.41
HO4 PEG D . 11.60 -2.50 16.15
NA NA E . -13.09 8.24 9.39
NA NA F . 14.44 -6.56 -12.70
NA NA G . -2.50 7.61 7.69
NA NA H . -6.92 11.91 6.51
#